data_2HIW
#
_entry.id   2HIW
#
_cell.length_a   41.485
_cell.length_b   41.485
_cell.length_c   332.602
_cell.angle_alpha   90.00
_cell.angle_beta   90.00
_cell.angle_gamma   90.00
#
_symmetry.space_group_name_H-M   'P 41'
#
loop_
_entity.id
_entity.type
_entity.pdbx_description
1 polymer 'Proto-oncogene tyrosine-protein kinase ABL1'
2 non-polymer 7-AMINO-1-METHYL-3-(2-METHYL-5-{[3-(TRIFLUOROMETHYL)BENZOYL]AMINO}PHENYL)-2-OXO-2,3-DIHYDROPYRIMIDO[4,5-D]PYRIMIDIN-1-IUM
3 water water
#
_entity_poly.entity_id   1
_entity_poly.type   'polypeptide(L)'
_entity_poly.pdbx_seq_one_letter_code
;GAMDPNYDKWEMERTDITMKHKLGGGQYGEVYEGVWKKYSLTVAVKTLKEDTMEVEEFLKEAAVMKEIKHPNLVQLLGVC
TREPPFYIITEFMTYGNLLDYLRECNRQEVNAVVLLYMATQISSAMEYLEKKNFIHRDLAARNCLVGENHLVKVADFGLS
RLMTGDTYTAHAGAKFPIKWTAPESLAYNKFSIKSDVWAFGVLLWEIATYGMSPYPGIDLSQVYELLEKDYRMERPEGCP
EKVYELMRACWQWNPSDRPSFAEIHQAFETMFQESSISDEVEKELGK
;
_entity_poly.pdbx_strand_id   A,B
#
# COMPACT_ATOMS: atom_id res chain seq x y z
N GLY A 1 -11.18 17.71 -10.40
CA GLY A 1 -12.57 17.36 -10.87
C GLY A 1 -13.59 17.48 -9.76
N ALA A 2 -14.42 18.52 -9.85
CA ALA A 2 -15.37 18.91 -8.79
C ALA A 2 -16.53 17.94 -8.52
N MET A 3 -17.52 17.95 -9.42
CA MET A 3 -18.75 17.16 -9.26
C MET A 3 -18.56 15.63 -9.40
N ASP A 4 -17.39 15.13 -8.97
CA ASP A 4 -17.03 13.72 -9.11
C ASP A 4 -16.77 13.05 -7.74
N PRO A 5 -17.13 11.74 -7.63
CA PRO A 5 -16.90 10.99 -6.39
C PRO A 5 -15.43 10.98 -5.97
N ASN A 6 -15.18 11.07 -4.65
CA ASN A 6 -13.82 11.23 -4.10
C ASN A 6 -13.11 12.45 -4.72
N TYR A 7 -13.58 13.64 -4.33
CA TYR A 7 -12.95 14.90 -4.74
C TYR A 7 -11.65 15.08 -3.98
N ASP A 8 -10.76 15.90 -4.52
CA ASP A 8 -9.50 16.28 -3.88
C ASP A 8 -9.05 17.67 -4.30
N LYS A 9 -8.98 18.56 -3.31
CA LYS A 9 -8.49 19.94 -3.47
C LYS A 9 -6.98 20.03 -3.70
N TRP A 10 -6.24 18.97 -3.36
CA TRP A 10 -4.79 18.91 -3.56
C TRP A 10 -4.37 18.50 -4.96
N GLU A 11 -5.31 17.97 -5.73
CA GLU A 11 -5.01 17.52 -7.08
C GLU A 11 -4.88 18.71 -8.02
N MET A 12 -3.73 18.77 -8.69
CA MET A 12 -3.48 19.85 -9.65
C MET A 12 -3.12 19.30 -11.03
N GLU A 13 -3.05 20.19 -12.01
CA GLU A 13 -2.72 19.83 -13.38
C GLU A 13 -1.20 19.86 -13.52
N ARG A 14 -0.61 18.72 -13.90
CA ARG A 14 0.84 18.61 -14.15
C ARG A 14 1.34 19.66 -15.13
N THR A 15 0.43 20.08 -15.99
CA THR A 15 0.63 21.11 -17.00
C THR A 15 0.98 22.50 -16.42
N ASP A 16 0.59 22.73 -15.17
CA ASP A 16 0.77 24.03 -14.52
C ASP A 16 2.19 24.23 -13.99
N ILE A 17 2.96 23.16 -13.90
CA ILE A 17 4.34 23.24 -13.42
C ILE A 17 5.38 22.87 -14.46
N THR A 18 6.35 23.76 -14.65
CA THR A 18 7.54 23.50 -15.43
C THR A 18 8.59 22.89 -14.50
N MET A 19 9.28 21.87 -14.98
CA MET A 19 10.33 21.25 -14.20
C MET A 19 11.66 21.72 -14.76
N LYS A 20 12.48 22.33 -13.91
CA LYS A 20 13.85 22.68 -14.30
C LYS A 20 14.69 21.40 -14.20
N HIS A 21 15.62 21.37 -13.25
CA HIS A 21 16.40 20.15 -13.02
C HIS A 21 16.41 19.73 -11.56
N LYS A 22 16.96 18.55 -11.31
CA LYS A 22 16.96 17.92 -10.00
C LYS A 22 17.58 18.83 -8.96
N LEU A 23 16.95 18.91 -7.78
CA LEU A 23 17.54 19.63 -6.66
C LEU A 23 18.88 18.97 -6.33
N GLY A 24 19.91 19.80 -6.24
CA GLY A 24 21.29 19.31 -6.11
C GLY A 24 21.62 18.65 -4.78
N GLY A 25 21.24 19.31 -3.69
CA GLY A 25 21.60 18.92 -2.30
C GLY A 25 21.78 17.45 -2.02
N GLY A 26 22.96 16.93 -2.35
CA GLY A 26 23.24 15.49 -2.25
C GLY A 26 22.21 14.59 -2.92
N GLN A 27 21.48 15.15 -3.87
CA GLN A 27 20.41 14.46 -4.60
C GLN A 27 19.40 13.74 -3.70
N TYR A 28 18.14 14.16 -3.82
CA TYR A 28 17.05 13.59 -3.02
C TYR A 28 16.27 12.55 -3.83
N GLY A 29 16.88 12.11 -4.93
CA GLY A 29 16.20 11.26 -5.90
C GLY A 29 15.55 12.12 -6.96
N GLU A 30 14.35 11.70 -7.38
CA GLU A 30 13.59 12.38 -8.43
C GLU A 30 12.88 13.61 -7.88
N VAL A 31 13.65 14.56 -7.36
CA VAL A 31 13.08 15.77 -6.78
C VAL A 31 13.66 16.95 -7.54
N TYR A 32 12.76 17.66 -8.24
CA TYR A 32 13.14 18.73 -9.15
C TYR A 32 12.82 20.12 -8.63
N GLU A 33 13.56 21.12 -9.11
CA GLU A 33 13.13 22.51 -8.94
C GLU A 33 12.11 22.78 -10.04
N GLY A 34 10.96 23.32 -9.65
CA GLY A 34 9.89 23.58 -10.58
C GLY A 34 9.46 25.03 -10.54
N VAL A 35 8.61 25.41 -11.48
CA VAL A 35 7.94 26.70 -11.43
C VAL A 35 6.47 26.46 -11.71
N TRP A 36 5.62 26.95 -10.82
CA TRP A 36 4.18 27.02 -11.06
C TRP A 36 3.90 28.29 -11.88
N LYS A 37 3.92 28.13 -13.21
CA LYS A 37 3.79 29.23 -14.19
C LYS A 37 2.85 30.39 -13.80
N LYS A 38 1.57 30.09 -13.58
CA LYS A 38 0.55 31.12 -13.34
C LYS A 38 0.95 32.11 -12.24
N TYR A 39 1.56 31.58 -11.19
CA TYR A 39 1.89 32.34 -9.98
C TYR A 39 3.32 32.81 -9.90
N SER A 40 4.12 32.51 -10.92
CA SER A 40 5.55 32.84 -10.96
C SER A 40 6.25 32.34 -9.70
N LEU A 41 5.98 31.07 -9.39
CA LEU A 41 6.34 30.48 -8.12
C LEU A 41 7.26 29.29 -8.32
N THR A 42 8.41 29.34 -7.66
CA THR A 42 9.35 28.24 -7.67
C THR A 42 8.92 27.23 -6.62
N VAL A 43 8.83 25.96 -7.01
CA VAL A 43 8.39 24.84 -6.15
C VAL A 43 9.39 23.70 -6.16
N ALA A 44 9.21 22.73 -5.28
CA ALA A 44 9.96 21.48 -5.32
C ALA A 44 8.99 20.38 -5.68
N VAL A 45 9.38 19.56 -6.65
CA VAL A 45 8.50 18.54 -7.17
C VAL A 45 9.16 17.16 -7.07
N LYS A 46 8.69 16.37 -6.11
CA LYS A 46 9.12 14.99 -5.99
C LYS A 46 8.33 14.10 -6.96
N THR A 47 9.05 13.42 -7.86
CA THR A 47 8.44 12.50 -8.81
C THR A 47 8.79 11.05 -8.47
N LEU A 48 8.34 10.12 -9.30
CA LEU A 48 8.69 8.71 -9.18
C LEU A 48 8.61 8.00 -10.53
N LYS A 49 9.72 7.40 -10.96
CA LYS A 49 9.73 6.55 -12.18
C LYS A 49 10.78 5.40 -12.19
N GLU A 50 11.47 5.21 -11.07
CA GLU A 50 12.51 4.19 -10.91
C GLU A 50 12.16 3.11 -9.89
N ASP A 51 11.51 3.53 -8.79
CA ASP A 51 10.95 2.60 -7.83
C ASP A 51 9.56 2.17 -8.29
N THR A 52 9.11 1.03 -7.78
CA THR A 52 7.75 0.54 -8.04
C THR A 52 7.14 -0.18 -6.82
N MET A 53 8.00 -0.52 -5.84
CA MET A 53 7.52 -0.92 -4.52
C MET A 53 7.25 0.36 -3.77
N GLU A 54 7.80 1.44 -4.31
CA GLU A 54 7.58 2.77 -3.77
C GLU A 54 6.20 3.31 -4.11
N VAL A 55 5.74 3.14 -5.34
CA VAL A 55 4.43 3.69 -5.78
C VAL A 55 3.44 3.82 -4.61
N GLU A 56 3.12 2.69 -3.97
CA GLU A 56 2.17 2.65 -2.85
C GLU A 56 2.66 3.44 -1.64
N GLU A 57 3.95 3.36 -1.36
CA GLU A 57 4.57 4.16 -0.29
C GLU A 57 4.67 5.67 -0.68
N PHE A 58 4.74 5.96 -1.98
CA PHE A 58 4.74 7.35 -2.51
C PHE A 58 3.41 8.04 -2.23
N LEU A 59 2.32 7.27 -2.30
CA LEU A 59 0.97 7.77 -2.06
C LEU A 59 0.59 7.81 -0.59
N LYS A 60 1.17 6.94 0.23
CA LYS A 60 1.04 7.08 1.68
C LYS A 60 1.70 8.38 2.13
N GLU A 61 2.86 8.71 1.55
CA GLU A 61 3.53 9.97 1.84
C GLU A 61 2.65 11.17 1.54
N ALA A 62 2.03 11.15 0.37
CA ALA A 62 1.10 12.20 -0.08
C ALA A 62 -0.06 12.40 0.90
N ALA A 63 -0.70 11.30 1.30
CA ALA A 63 -1.81 11.32 2.26
C ALA A 63 -1.41 11.92 3.59
N VAL A 64 -0.22 11.54 4.06
CA VAL A 64 0.34 11.98 5.34
C VAL A 64 0.54 13.49 5.31
N MET A 65 1.03 13.99 4.18
CA MET A 65 1.31 15.40 4.01
C MET A 65 0.06 16.27 3.97
N LYS A 66 -1.08 15.67 3.62
CA LYS A 66 -2.37 16.37 3.61
C LYS A 66 -2.88 16.68 5.01
N GLU A 67 -2.47 15.85 5.98
CA GLU A 67 -3.01 15.91 7.34
C GLU A 67 -2.18 16.79 8.29
N ILE A 68 -1.10 17.35 7.77
CA ILE A 68 -0.16 18.14 8.58
C ILE A 68 0.01 19.53 8.02
N LYS A 69 0.04 20.53 8.90
CA LYS A 69 0.18 21.93 8.50
C LYS A 69 0.73 22.78 9.65
N HIS A 70 1.95 23.29 9.50
CA HIS A 70 2.60 24.13 10.52
C HIS A 70 3.52 25.09 9.77
N PRO A 71 3.76 26.31 10.30
CA PRO A 71 4.71 27.19 9.63
C PRO A 71 6.15 26.68 9.54
N ASN A 72 6.52 25.74 10.41
CA ASN A 72 7.87 25.16 10.40
C ASN A 72 7.88 23.70 9.93
N LEU A 73 6.84 23.33 9.20
CA LEU A 73 6.79 22.07 8.47
C LEU A 73 6.71 22.41 7.00
N VAL A 74 7.61 21.82 6.20
CA VAL A 74 7.58 22.03 4.76
C VAL A 74 6.13 21.86 4.29
N GLN A 75 5.68 22.84 3.49
CA GLN A 75 4.29 22.98 3.07
C GLN A 75 3.91 22.34 1.74
N LEU A 76 3.09 21.29 1.80
CA LEU A 76 2.45 20.72 0.62
C LEU A 76 1.61 21.76 -0.12
N LEU A 77 1.75 21.80 -1.45
CA LEU A 77 0.99 22.68 -2.31
C LEU A 77 -0.02 21.90 -3.16
N GLY A 78 0.40 20.75 -3.65
CA GLY A 78 -0.49 19.93 -4.45
C GLY A 78 0.14 18.60 -4.78
N VAL A 79 -0.68 17.71 -5.34
CA VAL A 79 -0.28 16.36 -5.77
C VAL A 79 -0.87 16.06 -7.15
N CYS A 80 -0.19 15.19 -7.88
CA CYS A 80 -0.69 14.64 -9.13
C CYS A 80 -0.55 13.13 -9.05
N THR A 81 -1.62 12.47 -8.60
CA THR A 81 -1.63 11.04 -8.38
C THR A 81 -2.78 10.38 -9.14
N ARG A 82 -3.10 10.99 -10.27
CA ARG A 82 -4.23 10.62 -11.10
C ARG A 82 -3.71 9.82 -12.29
N GLU A 83 -2.69 10.36 -12.95
CA GLU A 83 -2.10 9.71 -14.11
C GLU A 83 -0.68 9.29 -13.74
N PRO A 84 -0.08 8.36 -14.51
CA PRO A 84 1.22 7.75 -14.28
C PRO A 84 2.26 8.61 -13.51
N PRO A 85 2.96 9.56 -14.17
CA PRO A 85 4.12 10.13 -13.47
C PRO A 85 3.71 11.03 -12.30
N PHE A 86 3.62 10.42 -11.12
CA PHE A 86 3.13 11.11 -9.92
C PHE A 86 4.04 12.24 -9.41
N TYR A 87 3.41 13.35 -9.04
CA TYR A 87 4.07 14.51 -8.45
C TYR A 87 3.68 14.68 -6.98
N ILE A 88 4.61 15.21 -6.19
CA ILE A 88 4.27 15.80 -4.90
C ILE A 88 4.90 17.20 -4.86
N ILE A 89 4.04 18.19 -4.97
CA ILE A 89 4.41 19.60 -5.07
C ILE A 89 4.48 20.22 -3.69
N THR A 90 5.63 20.81 -3.42
CA THR A 90 5.90 21.40 -2.13
C THR A 90 6.50 22.78 -2.40
N GLU A 91 6.33 23.69 -1.46
CA GLU A 91 7.07 24.97 -1.47
C GLU A 91 8.57 24.74 -1.68
N PHE A 92 9.24 25.74 -2.22
CA PHE A 92 10.67 25.68 -2.43
C PHE A 92 11.40 26.52 -1.39
N MET A 93 12.26 25.87 -0.61
CA MET A 93 13.02 26.59 0.39
C MET A 93 14.34 27.05 -0.19
N THR A 94 14.52 28.36 -0.17
CA THR A 94 15.61 29.05 -0.84
C THR A 94 17.01 28.46 -0.61
N TYR A 95 17.26 28.02 0.62
CA TYR A 95 18.63 27.69 1.01
C TYR A 95 18.92 26.20 1.22
N GLY A 96 18.10 25.33 0.62
CA GLY A 96 18.25 23.88 0.77
C GLY A 96 18.27 23.40 2.20
N ASN A 97 18.82 22.18 2.41
CA ASN A 97 18.86 21.52 3.73
C ASN A 97 19.71 22.21 4.80
N LEU A 98 19.31 22.00 6.07
CA LEU A 98 19.91 22.67 7.23
C LEU A 98 21.35 22.25 7.54
N LEU A 99 21.73 21.04 7.14
CA LEU A 99 23.07 20.50 7.42
C LEU A 99 24.15 21.24 6.61
N ASP A 100 23.99 21.23 5.30
CA ASP A 100 24.87 21.99 4.40
C ASP A 100 24.92 23.47 4.73
N TYR A 101 23.75 24.04 5.05
CA TYR A 101 23.67 25.47 5.33
C TYR A 101 24.61 25.83 6.46
N LEU A 102 24.39 25.22 7.63
CA LEU A 102 25.26 25.37 8.81
C LEU A 102 26.74 25.16 8.53
N ARG A 103 27.05 24.20 7.68
CA ARG A 103 28.41 23.92 7.24
C ARG A 103 29.02 24.98 6.33
N GLU A 104 28.18 25.67 5.56
CA GLU A 104 28.68 26.57 4.51
C GLU A 104 28.39 28.03 4.80
N CYS A 105 27.63 28.26 5.87
CA CYS A 105 27.18 29.59 6.24
C CYS A 105 28.30 30.50 6.74
N ASN A 106 28.00 31.78 6.73
CA ASN A 106 28.71 32.82 7.45
C ASN A 106 28.27 32.74 8.93
N ARG A 107 29.24 32.59 9.83
CA ARG A 107 28.96 32.41 11.25
C ARG A 107 28.78 33.73 11.99
N GLN A 108 29.06 34.83 11.31
CA GLN A 108 28.80 36.16 11.84
C GLN A 108 27.33 36.44 11.76
N GLU A 109 26.72 35.89 10.70
CA GLU A 109 25.31 36.06 10.39
C GLU A 109 24.53 35.04 11.18
N VAL A 110 24.88 33.77 11.01
CA VAL A 110 24.27 32.70 11.79
C VAL A 110 25.03 32.68 13.11
N ASN A 111 24.81 33.74 13.89
CA ASN A 111 25.45 33.93 15.18
C ASN A 111 24.71 33.14 16.23
N ALA A 112 25.18 33.21 17.47
CA ALA A 112 24.60 32.47 18.59
C ALA A 112 23.07 32.50 18.63
N VAL A 113 22.50 33.70 18.50
CA VAL A 113 21.05 33.87 18.62
C VAL A 113 20.26 33.36 17.39
N VAL A 114 20.92 33.24 16.24
CA VAL A 114 20.25 32.65 15.09
C VAL A 114 20.13 31.15 15.31
N LEU A 115 21.23 30.51 15.75
CA LEU A 115 21.25 29.08 16.02
C LEU A 115 20.14 28.64 16.96
N LEU A 116 19.90 29.46 17.99
CA LEU A 116 18.85 29.25 18.96
C LEU A 116 17.47 29.43 18.33
N TYR A 117 17.32 30.45 17.51
CA TYR A 117 16.07 30.71 16.79
C TYR A 117 15.74 29.56 15.84
N MET A 118 16.75 29.04 15.15
CA MET A 118 16.58 27.87 14.30
C MET A 118 16.10 26.67 15.13
N ALA A 119 16.62 26.56 16.36
CA ALA A 119 16.27 25.48 17.30
C ALA A 119 14.84 25.61 17.84
N THR A 120 14.46 26.85 18.14
CA THR A 120 13.12 27.17 18.61
C THR A 120 12.06 26.85 17.53
N GLN A 121 12.41 27.14 16.29
CA GLN A 121 11.53 26.82 15.16
C GLN A 121 11.27 25.31 15.00
N ILE A 122 12.30 24.49 15.20
CA ILE A 122 12.19 23.02 15.04
C ILE A 122 11.39 22.38 16.17
N SER A 123 11.67 22.77 17.41
CA SER A 123 10.88 22.39 18.56
C SER A 123 9.42 22.75 18.37
N SER A 124 9.17 23.87 17.68
CA SER A 124 7.81 24.28 17.39
C SER A 124 7.12 23.30 16.44
N ALA A 125 7.80 22.96 15.35
CA ALA A 125 7.30 22.00 14.37
C ALA A 125 7.01 20.66 15.06
N MET A 126 7.89 20.29 15.99
CA MET A 126 7.80 19.03 16.71
C MET A 126 6.79 19.02 17.85
N GLU A 127 6.54 20.17 18.46
CA GLU A 127 5.46 20.28 19.45
C GLU A 127 4.13 20.05 18.73
N TYR A 128 4.05 20.57 17.52
CA TYR A 128 2.90 20.37 16.65
C TYR A 128 2.68 18.89 16.30
N LEU A 129 3.70 18.27 15.73
CA LEU A 129 3.65 16.84 15.42
C LEU A 129 3.29 15.97 16.63
N GLU A 130 3.87 16.32 17.78
CA GLU A 130 3.61 15.73 19.09
C GLU A 130 2.11 15.83 19.46
N LYS A 131 1.57 17.04 19.36
CA LYS A 131 0.13 17.33 19.53
C LYS A 131 -0.75 16.50 18.60
N LYS A 132 -0.17 16.06 17.49
CA LYS A 132 -0.88 15.40 16.40
C LYS A 132 -0.69 13.87 16.44
N ASN A 133 0.09 13.38 17.40
CA ASN A 133 0.50 11.97 17.50
C ASN A 133 1.24 11.47 16.25
N PHE A 134 1.98 12.37 15.60
CA PHE A 134 2.81 12.03 14.45
C PHE A 134 4.24 11.70 14.91
N ILE A 135 4.70 10.49 14.61
CA ILE A 135 6.09 10.12 14.80
C ILE A 135 6.85 10.42 13.51
N HIS A 136 7.85 11.28 13.60
CA HIS A 136 8.59 11.75 12.43
C HIS A 136 9.51 10.66 11.91
N ARG A 137 10.27 10.06 12.83
CA ARG A 137 11.13 8.91 12.58
C ARG A 137 12.53 9.21 12.04
N ASP A 138 12.73 10.35 11.37
CA ASP A 138 14.08 10.70 10.90
C ASP A 138 14.45 12.17 11.07
N LEU A 139 14.37 12.66 12.31
CA LEU A 139 14.72 14.03 12.64
C LEU A 139 16.23 14.18 12.68
N ALA A 140 16.73 15.06 11.82
CA ALA A 140 18.14 15.28 11.57
C ALA A 140 18.27 16.59 10.81
N ALA A 141 19.45 17.22 10.89
CA ALA A 141 19.75 18.42 10.09
C ALA A 141 19.49 18.26 8.59
N ARG A 142 19.86 17.09 8.05
CA ARG A 142 19.68 16.75 6.63
C ARG A 142 18.21 16.79 6.16
N ASN A 143 17.28 16.64 7.11
CA ASN A 143 15.85 16.66 6.84
C ASN A 143 15.16 17.98 7.16
N CYS A 144 15.95 19.01 7.45
CA CYS A 144 15.42 20.35 7.65
C CYS A 144 15.84 21.24 6.49
N LEU A 145 15.11 22.33 6.31
CA LEU A 145 15.29 23.27 5.19
C LEU A 145 15.40 24.70 5.72
N VAL A 146 16.11 25.56 4.98
CA VAL A 146 16.29 26.95 5.41
C VAL A 146 15.73 27.94 4.38
N GLY A 147 14.70 28.68 4.77
CA GLY A 147 14.17 29.74 3.93
C GLY A 147 14.85 31.07 4.20
N GLU A 148 14.23 32.15 3.71
CA GLU A 148 14.72 33.50 3.88
C GLU A 148 14.51 33.90 5.35
N ASN A 149 15.48 34.63 5.90
CA ASN A 149 15.41 35.14 7.28
C ASN A 149 15.60 34.05 8.34
N HIS A 150 16.48 33.10 8.04
CA HIS A 150 16.81 31.99 8.94
C HIS A 150 15.56 31.20 9.32
N LEU A 151 14.67 31.01 8.35
CA LEU A 151 13.45 30.25 8.53
C LEU A 151 13.78 28.78 8.36
N VAL A 152 13.37 27.97 9.33
CA VAL A 152 13.65 26.55 9.28
C VAL A 152 12.36 25.75 9.31
N LYS A 153 12.19 24.92 8.27
CA LYS A 153 11.13 23.94 8.22
C LYS A 153 11.66 22.52 8.41
N VAL A 154 10.91 21.72 9.17
CA VAL A 154 11.15 20.30 9.32
C VAL A 154 10.50 19.60 8.14
N ALA A 155 11.21 18.65 7.54
CA ALA A 155 10.70 17.90 6.40
C ALA A 155 11.16 16.45 6.51
N ASP A 156 10.99 15.68 5.44
CA ASP A 156 11.39 14.27 5.40
C ASP A 156 11.59 13.83 3.96
N PHE A 157 12.85 13.63 3.57
CA PHE A 157 13.19 13.39 2.16
C PHE A 157 13.37 11.92 1.76
N GLY A 158 13.15 11.00 2.70
CA GLY A 158 13.31 9.56 2.45
C GLY A 158 14.75 9.19 2.13
N LEU A 159 15.67 9.61 3.00
CA LEU A 159 17.10 9.54 2.72
C LEU A 159 17.76 8.19 3.01
N SER A 160 17.06 7.29 3.71
CA SER A 160 17.58 5.93 3.91
C SER A 160 17.59 5.13 2.60
N ARG A 161 16.94 5.70 1.58
CA ARG A 161 16.94 5.21 0.19
C ARG A 161 18.05 5.88 -0.62
N LEU A 162 18.31 7.15 -0.31
CA LEU A 162 19.31 7.95 -1.02
C LEU A 162 20.73 7.61 -0.58
N MET A 163 20.91 7.49 0.74
CA MET A 163 22.22 7.27 1.38
C MET A 163 23.36 6.74 0.50
N THR A 164 24.44 7.50 0.48
CA THR A 164 25.71 7.08 -0.11
C THR A 164 26.82 7.34 0.92
N GLY A 165 27.04 6.38 1.81
CA GLY A 165 28.03 6.52 2.89
C GLY A 165 27.64 5.93 4.23
N ASP A 166 28.05 6.61 5.31
CA ASP A 166 28.06 6.05 6.67
C ASP A 166 27.05 6.68 7.64
N THR A 167 26.00 7.30 7.08
CA THR A 167 24.92 7.90 7.91
C THR A 167 23.80 6.88 8.18
N TYR A 168 23.34 6.19 7.14
CA TYR A 168 22.38 5.10 7.28
C TYR A 168 23.10 3.76 7.11
N THR A 169 23.14 2.98 8.20
CA THR A 169 23.75 1.65 8.20
C THR A 169 22.69 0.56 8.05
N ALA A 170 23.01 -0.47 7.27
CA ALA A 170 22.08 -1.56 6.97
C ALA A 170 21.61 -2.29 8.25
N HIS A 171 20.33 -2.64 8.28
CA HIS A 171 19.66 -3.10 9.50
C HIS A 171 18.35 -3.82 9.15
N ALA A 172 18.47 -4.91 8.39
CA ALA A 172 17.34 -5.77 7.97
C ALA A 172 16.49 -5.21 6.82
N GLY A 173 17.15 -4.56 5.86
CA GLY A 173 16.45 -3.86 4.78
C GLY A 173 16.01 -2.48 5.23
N ALA A 174 15.70 -2.37 6.50
CA ALA A 174 15.49 -1.09 7.15
C ALA A 174 16.86 -0.46 7.33
N LYS A 175 17.01 0.78 6.89
CA LYS A 175 18.26 1.50 7.10
C LYS A 175 18.07 2.51 8.22
N PHE A 176 18.99 2.50 9.17
CA PHE A 176 18.90 3.26 10.41
C PHE A 176 20.01 4.32 10.49
N PRO A 177 19.67 5.56 10.91
CA PRO A 177 20.70 6.56 11.23
C PRO A 177 21.23 6.45 12.66
N ILE A 178 21.94 5.36 12.94
CA ILE A 178 22.37 4.98 14.30
C ILE A 178 22.66 6.11 15.27
N LYS A 179 23.44 7.10 14.82
CA LYS A 179 23.87 8.22 15.66
C LYS A 179 22.77 9.24 16.00
N TRP A 180 21.64 9.16 15.29
CA TRP A 180 20.43 9.93 15.63
C TRP A 180 19.38 9.07 16.34
N THR A 181 19.49 7.74 16.21
CA THR A 181 18.50 6.80 16.73
C THR A 181 18.62 6.58 18.25
N ALA A 182 17.49 6.64 18.96
CA ALA A 182 17.47 6.41 20.41
C ALA A 182 17.66 4.92 20.78
N PRO A 183 18.16 4.66 21.99
CA PRO A 183 18.53 3.29 22.39
C PRO A 183 17.41 2.29 22.23
N GLU A 184 16.19 2.73 22.54
CA GLU A 184 15.04 1.87 22.48
C GLU A 184 14.62 1.57 21.03
N SER A 185 14.92 2.51 20.15
CA SER A 185 14.67 2.32 18.73
C SER A 185 15.73 1.40 18.14
N LEU A 186 16.95 1.51 18.67
CA LEU A 186 18.06 0.64 18.29
C LEU A 186 17.89 -0.81 18.78
N ALA A 187 17.65 -0.98 20.08
CA ALA A 187 17.59 -2.32 20.69
C ALA A 187 16.26 -3.06 20.48
N TYR A 188 15.15 -2.32 20.49
CA TYR A 188 13.81 -2.93 20.48
C TYR A 188 12.89 -2.51 19.31
N ASN A 189 13.38 -1.64 18.43
CA ASN A 189 12.60 -1.13 17.29
C ASN A 189 11.30 -0.46 17.73
N LYS A 190 11.36 0.33 18.79
CA LYS A 190 10.20 1.11 19.23
C LYS A 190 10.38 2.58 18.97
N PHE A 191 9.59 3.08 18.04
CA PHE A 191 9.61 4.49 17.75
C PHE A 191 8.38 5.16 18.36
N SER A 192 8.58 6.37 18.83
CA SER A 192 7.54 7.14 19.47
C SER A 192 8.00 8.58 19.47
N ILE A 193 7.12 9.47 19.90
CA ILE A 193 7.43 10.87 20.13
C ILE A 193 8.76 11.03 20.89
N LYS A 194 8.94 10.27 21.97
CA LYS A 194 10.17 10.29 22.77
C LYS A 194 11.44 9.88 22.04
N SER A 195 11.30 9.08 20.99
CA SER A 195 12.46 8.75 20.17
C SER A 195 12.79 9.89 19.18
N ASP A 196 11.79 10.74 18.90
CA ASP A 196 11.98 11.98 18.14
C ASP A 196 12.73 12.98 19.01
N VAL A 197 12.45 12.96 20.31
CA VAL A 197 13.06 13.86 21.29
C VAL A 197 14.57 13.62 21.36
N TRP A 198 14.96 12.34 21.42
CA TRP A 198 16.35 11.95 21.37
C TRP A 198 17.05 12.45 20.10
N ALA A 199 16.39 12.29 18.96
CA ALA A 199 16.89 12.76 17.67
C ALA A 199 17.06 14.29 17.69
N PHE A 200 16.10 14.96 18.32
CA PHE A 200 16.12 16.41 18.49
C PHE A 200 17.39 16.89 19.20
N GLY A 201 17.76 16.21 20.29
CA GLY A 201 18.98 16.52 21.05
C GLY A 201 20.25 16.40 20.22
N VAL A 202 20.26 15.39 19.35
CA VAL A 202 21.34 15.19 18.39
C VAL A 202 21.38 16.34 17.37
N LEU A 203 20.20 16.73 16.88
CA LEU A 203 20.03 17.81 15.91
C LEU A 203 20.46 19.14 16.51
N LEU A 204 20.15 19.33 17.79
CA LEU A 204 20.60 20.48 18.57
C LEU A 204 22.12 20.55 18.67
N TRP A 205 22.75 19.39 18.79
CA TRP A 205 24.22 19.28 18.77
C TRP A 205 24.77 19.52 17.36
N GLU A 206 24.04 19.06 16.35
CA GLU A 206 24.41 19.34 14.95
C GLU A 206 24.46 20.86 14.69
N ILE A 207 23.41 21.55 15.14
CA ILE A 207 23.27 23.02 15.05
C ILE A 207 24.35 23.80 15.81
N ALA A 208 24.64 23.38 17.04
CA ALA A 208 25.58 24.10 17.89
C ALA A 208 27.01 23.93 17.41
N THR A 209 27.26 22.84 16.70
CA THR A 209 28.57 22.55 16.15
C THR A 209 28.69 23.00 14.70
N TYR A 210 27.64 23.66 14.20
CA TYR A 210 27.52 24.12 12.81
C TYR A 210 27.60 22.97 11.78
N GLY A 211 26.98 21.84 12.11
CA GLY A 211 26.83 20.77 11.14
C GLY A 211 27.85 19.65 11.19
N MET A 212 28.51 19.49 12.35
CA MET A 212 29.47 18.40 12.57
C MET A 212 28.74 17.07 12.72
N SER A 213 29.42 15.99 12.35
CA SER A 213 28.85 14.66 12.51
C SER A 213 28.83 14.30 14.00
N PRO A 214 27.74 13.63 14.44
CA PRO A 214 27.59 13.18 15.81
C PRO A 214 28.66 12.17 16.18
N TYR A 215 28.96 12.09 17.48
CA TYR A 215 29.99 11.21 18.03
C TYR A 215 31.22 11.18 17.13
N PRO A 216 31.99 12.29 17.11
CA PRO A 216 33.13 12.42 16.19
C PRO A 216 34.21 11.36 16.47
N GLY A 217 34.60 10.62 15.44
CA GLY A 217 35.73 9.70 15.52
C GLY A 217 35.40 8.29 15.99
N ILE A 218 34.34 8.17 16.78
CA ILE A 218 33.81 6.88 17.21
C ILE A 218 33.04 6.20 16.07
N ASP A 219 33.23 4.89 15.94
CA ASP A 219 32.51 4.07 14.95
C ASP A 219 31.11 3.66 15.42
N LEU A 220 30.24 3.37 14.45
CA LEU A 220 28.83 2.99 14.71
C LEU A 220 28.66 1.81 15.66
N SER A 221 29.47 0.78 15.47
CA SER A 221 29.37 -0.47 16.24
C SER A 221 29.36 -0.29 17.76
N GLN A 222 30.02 0.76 18.24
CA GLN A 222 30.19 0.95 19.68
C GLN A 222 29.39 2.11 20.27
N VAL A 223 28.46 2.67 19.48
CA VAL A 223 27.66 3.81 19.93
C VAL A 223 26.70 3.44 21.08
N TYR A 224 25.95 2.34 20.90
CA TYR A 224 24.96 1.90 21.88
C TYR A 224 25.58 1.53 23.23
N GLU A 225 26.61 0.69 23.20
CA GLU A 225 27.36 0.32 24.40
C GLU A 225 27.85 1.53 25.20
N LEU A 226 28.39 2.53 24.50
CA LEU A 226 28.80 3.77 25.15
C LEU A 226 27.61 4.46 25.84
N LEU A 227 26.48 4.58 25.14
CA LEU A 227 25.26 5.21 25.69
C LEU A 227 24.74 4.49 26.93
N GLU A 228 24.75 3.16 26.86
CA GLU A 228 24.49 2.28 28.01
C GLU A 228 25.35 2.57 29.23
N LYS A 229 26.57 3.04 29.01
CA LYS A 229 27.49 3.39 30.10
C LYS A 229 27.35 4.87 30.48
N ASP A 230 26.31 5.50 29.92
CA ASP A 230 25.95 6.89 30.19
C ASP A 230 26.91 7.90 29.58
N TYR A 231 27.51 7.50 28.47
CA TYR A 231 28.31 8.42 27.68
C TYR A 231 27.47 9.20 26.65
N ARG A 232 27.40 10.52 26.86
CA ARG A 232 26.76 11.44 25.92
C ARG A 232 27.80 12.36 25.28
N MET A 233 27.46 12.96 24.14
CA MET A 233 28.32 13.91 23.48
C MET A 233 28.56 15.06 24.44
N GLU A 234 29.76 15.63 24.38
CA GLU A 234 30.09 16.72 25.29
C GLU A 234 29.64 18.04 24.70
N ARG A 235 29.50 19.04 25.58
CA ARG A 235 29.06 20.38 25.20
C ARG A 235 29.94 20.92 24.07
N PRO A 236 29.31 21.23 22.91
CA PRO A 236 30.05 21.85 21.79
C PRO A 236 30.74 23.13 22.24
N GLU A 237 31.83 23.52 21.56
CA GLU A 237 32.47 24.82 21.83
C GLU A 237 31.50 25.97 21.59
N GLY A 238 31.37 26.85 22.58
CA GLY A 238 30.53 28.05 22.48
C GLY A 238 29.03 27.89 22.73
N CYS A 239 28.61 26.69 23.14
CA CYS A 239 27.18 26.37 23.33
C CYS A 239 26.71 26.69 24.76
N PRO A 240 25.53 27.34 24.88
CA PRO A 240 25.06 27.66 26.22
C PRO A 240 24.90 26.39 27.06
N GLU A 241 25.01 26.56 28.36
CA GLU A 241 24.99 25.44 29.28
C GLU A 241 23.54 25.02 29.51
N LYS A 242 22.62 25.94 29.20
CA LYS A 242 21.18 25.70 29.26
C LYS A 242 20.67 24.99 28.01
N VAL A 243 21.35 25.21 26.89
CA VAL A 243 21.07 24.49 25.66
C VAL A 243 21.59 23.06 25.82
N TYR A 244 22.78 22.93 26.41
CA TYR A 244 23.39 21.61 26.64
C TYR A 244 22.65 20.75 27.65
N GLU A 245 22.18 21.38 28.73
CA GLU A 245 21.38 20.72 29.75
C GLU A 245 20.06 20.21 29.17
N LEU A 246 19.56 20.90 28.14
CA LEU A 246 18.38 20.46 27.43
C LEU A 246 18.72 19.31 26.48
N MET A 247 19.86 19.40 25.77
CA MET A 247 20.40 18.26 25.01
C MET A 247 20.41 16.99 25.88
N ARG A 248 21.02 17.09 27.07
CA ARG A 248 21.18 15.96 27.97
C ARG A 248 19.84 15.41 28.46
N ALA A 249 18.86 16.30 28.62
CA ALA A 249 17.47 15.93 28.92
C ALA A 249 16.87 15.01 27.85
N CYS A 250 16.97 15.45 26.60
CA CYS A 250 16.50 14.68 25.43
C CYS A 250 17.24 13.35 25.33
N TRP A 251 18.43 13.29 25.91
CA TRP A 251 19.29 12.12 25.83
C TRP A 251 19.22 11.21 27.05
N GLN A 252 18.18 11.38 27.85
CA GLN A 252 17.94 10.49 28.98
C GLN A 252 17.66 9.08 28.46
N TRP A 253 18.20 8.08 29.15
CA TRP A 253 18.09 6.69 28.77
C TRP A 253 16.66 6.17 28.76
N ASN A 254 15.89 6.59 29.76
CA ASN A 254 14.48 6.27 29.89
C ASN A 254 13.72 7.31 29.06
N PRO A 255 12.93 6.84 28.05
CA PRO A 255 12.07 7.71 27.22
C PRO A 255 11.06 8.56 27.99
N SER A 256 10.50 8.03 29.07
CA SER A 256 9.52 8.77 29.88
C SER A 256 10.12 9.93 30.63
N ASP A 257 11.46 10.00 30.64
CA ASP A 257 12.17 11.06 31.33
C ASP A 257 12.49 12.23 30.42
N ARG A 258 12.53 11.96 29.11
CA ARG A 258 12.84 12.97 28.11
C ARG A 258 11.71 14.00 28.08
N PRO A 259 12.06 15.29 27.89
CA PRO A 259 11.04 16.31 27.85
C PRO A 259 10.10 16.16 26.66
N SER A 260 8.88 16.64 26.78
CA SER A 260 7.99 16.72 25.63
C SER A 260 8.52 17.84 24.77
N PHE A 261 8.08 17.92 23.52
CA PHE A 261 8.46 19.06 22.70
C PHE A 261 7.74 20.32 23.16
N ALA A 262 6.56 20.13 23.76
CA ALA A 262 5.85 21.19 24.49
C ALA A 262 6.79 21.92 25.46
N GLU A 263 7.46 21.14 26.32
CA GLU A 263 8.31 21.70 27.36
C GLU A 263 9.72 22.03 26.88
N ILE A 264 10.12 21.44 25.77
CA ILE A 264 11.33 21.85 25.05
C ILE A 264 11.11 23.21 24.39
N HIS A 265 9.95 23.36 23.73
CA HIS A 265 9.60 24.59 23.04
C HIS A 265 9.51 25.79 23.99
N GLN A 266 8.79 25.63 25.10
CA GLN A 266 8.69 26.69 26.12
C GLN A 266 10.05 27.09 26.71
N ALA A 267 10.96 26.13 26.81
CA ALA A 267 12.34 26.38 27.26
C ALA A 267 13.05 27.29 26.29
N PHE A 268 12.84 27.05 24.99
CA PHE A 268 13.36 27.93 23.95
C PHE A 268 12.67 29.31 23.93
N GLU A 269 11.35 29.32 24.14
CA GLU A 269 10.58 30.55 24.28
C GLU A 269 11.04 31.40 25.46
N THR A 270 11.25 30.74 26.61
CA THR A 270 11.76 31.41 27.81
C THR A 270 13.17 31.96 27.56
N MET A 271 14.07 31.07 27.12
CA MET A 271 15.45 31.42 26.75
C MET A 271 15.59 32.56 25.73
N PHE A 272 14.50 32.89 25.06
CA PHE A 272 14.55 33.82 23.94
C PHE A 272 14.59 35.30 24.33
N GLN A 273 15.23 35.59 25.47
CA GLN A 273 15.55 36.97 25.80
C GLN A 273 16.99 37.29 25.33
N GLU A 274 17.09 38.35 24.52
CA GLU A 274 18.32 38.79 23.80
C GLU A 274 18.58 38.03 22.49
N GLY B 1 13.70 -20.29 8.94
CA GLY B 1 14.45 -19.71 10.09
C GLY B 1 14.28 -18.21 10.20
N ALA B 2 14.43 -17.68 11.42
CA ALA B 2 14.37 -16.23 11.65
C ALA B 2 15.72 -15.59 11.36
N MET B 3 16.79 -16.37 11.46
CA MET B 3 18.14 -15.94 11.13
C MET B 3 18.38 -16.09 9.63
N ASP B 4 17.56 -15.39 8.83
CA ASP B 4 17.49 -15.57 7.38
C ASP B 4 17.51 -14.24 6.64
N PRO B 5 18.16 -14.19 5.47
CA PRO B 5 18.11 -12.99 4.63
C PRO B 5 16.98 -13.06 3.60
N ASN B 6 15.81 -13.53 4.04
CA ASN B 6 14.51 -13.42 3.34
C ASN B 6 13.39 -14.24 4.00
N TYR B 7 13.40 -14.32 5.33
CA TYR B 7 12.45 -15.15 6.09
C TYR B 7 11.01 -15.08 5.60
N ASP B 8 10.37 -16.24 5.51
CA ASP B 8 8.96 -16.36 5.16
C ASP B 8 8.20 -17.15 6.23
N LYS B 9 7.13 -16.54 6.73
CA LYS B 9 6.18 -17.21 7.62
C LYS B 9 5.21 -18.07 6.81
N TRP B 10 5.23 -17.88 5.49
CA TRP B 10 4.35 -18.62 4.59
C TRP B 10 4.90 -19.99 4.19
N GLU B 11 6.21 -20.19 4.33
CA GLU B 11 6.82 -21.49 4.05
C GLU B 11 6.32 -22.55 5.02
N MET B 12 5.85 -23.66 4.48
CA MET B 12 5.49 -24.80 5.31
C MET B 12 6.12 -26.13 4.83
N GLU B 13 6.06 -27.14 5.69
CA GLU B 13 6.87 -28.33 5.55
C GLU B 13 6.13 -29.47 4.84
N ARG B 14 6.66 -29.89 3.69
CA ARG B 14 6.05 -30.89 2.81
C ARG B 14 5.63 -32.16 3.50
N THR B 15 6.50 -32.63 4.37
CA THR B 15 6.33 -33.91 5.05
C THR B 15 5.16 -33.86 6.04
N ASP B 16 4.63 -32.65 6.28
CA ASP B 16 3.43 -32.47 7.10
C ASP B 16 2.14 -32.46 6.25
N ILE B 17 2.26 -32.45 4.92
CA ILE B 17 1.09 -32.55 4.04
C ILE B 17 1.02 -33.90 3.36
N THR B 18 -0.06 -34.63 3.62
CA THR B 18 -0.36 -35.89 2.94
C THR B 18 -1.02 -35.58 1.60
N MET B 19 -0.36 -35.95 0.51
CA MET B 19 -0.88 -35.68 -0.83
C MET B 19 -1.74 -36.83 -1.31
N LYS B 20 -2.98 -36.53 -1.66
CA LYS B 20 -3.92 -37.56 -2.08
C LYS B 20 -4.04 -37.72 -3.60
N HIS B 21 -5.08 -37.14 -4.18
CA HIS B 21 -5.32 -37.27 -5.62
C HIS B 21 -5.63 -35.89 -6.19
N LYS B 22 -5.59 -35.76 -7.51
CA LYS B 22 -6.04 -34.55 -8.21
C LYS B 22 -7.43 -34.16 -7.75
N LEU B 23 -7.67 -32.85 -7.62
CA LEU B 23 -9.01 -32.32 -7.33
C LEU B 23 -9.92 -32.53 -8.54
N GLY B 24 -10.95 -33.34 -8.35
CA GLY B 24 -11.73 -33.89 -9.47
C GLY B 24 -12.93 -33.12 -9.99
N GLY B 25 -13.53 -32.28 -9.16
CA GLY B 25 -14.74 -31.53 -9.52
C GLY B 25 -14.54 -30.38 -10.49
N GLY B 26 -14.11 -30.72 -11.71
CA GLY B 26 -13.82 -29.73 -12.76
C GLY B 26 -12.39 -29.73 -13.27
N GLN B 27 -11.59 -30.69 -12.82
CA GLN B 27 -10.15 -30.87 -13.14
C GLN B 27 -9.30 -29.62 -13.39
N TYR B 28 -8.60 -29.21 -12.34
CA TYR B 28 -7.90 -27.94 -12.27
C TYR B 28 -6.41 -28.06 -12.61
N GLY B 29 -6.01 -29.25 -13.06
CA GLY B 29 -4.64 -29.50 -13.48
C GLY B 29 -3.88 -30.17 -12.36
N GLU B 30 -2.74 -29.61 -12.01
CA GLU B 30 -1.93 -30.13 -10.91
C GLU B 30 -2.36 -29.51 -9.57
N VAL B 31 -3.66 -29.60 -9.30
CA VAL B 31 -4.22 -29.19 -8.01
C VAL B 31 -4.76 -30.44 -7.34
N TYR B 32 -4.29 -30.69 -6.12
CA TYR B 32 -4.52 -31.95 -5.41
C TYR B 32 -5.21 -31.78 -4.08
N GLU B 33 -6.00 -32.78 -3.71
CA GLU B 33 -6.49 -32.88 -2.34
C GLU B 33 -5.31 -33.34 -1.49
N GLY B 34 -5.16 -32.70 -0.34
CA GLY B 34 -4.12 -33.05 0.62
C GLY B 34 -4.70 -33.03 2.02
N VAL B 35 -3.88 -33.47 2.97
CA VAL B 35 -4.16 -33.40 4.40
C VAL B 35 -2.95 -32.87 5.18
N TRP B 36 -3.09 -31.65 5.68
CA TRP B 36 -2.13 -31.05 6.59
C TRP B 36 -2.26 -31.75 7.95
N LYS B 37 -1.33 -32.66 8.22
CA LYS B 37 -1.44 -33.61 9.34
C LYS B 37 -1.62 -32.97 10.72
N LYS B 38 -1.08 -31.77 10.89
CA LYS B 38 -1.09 -31.09 12.18
C LYS B 38 -2.50 -30.74 12.68
N TYR B 39 -3.43 -30.52 11.74
CA TYR B 39 -4.81 -30.20 12.10
C TYR B 39 -5.84 -31.25 11.66
N SER B 40 -5.35 -32.38 11.15
CA SER B 40 -6.17 -33.43 10.49
C SER B 40 -7.07 -32.75 9.45
N LEU B 41 -6.45 -31.89 8.67
CA LEU B 41 -7.19 -30.91 7.89
C LEU B 41 -6.94 -31.10 6.41
N THR B 42 -8.02 -31.42 5.69
CA THR B 42 -8.03 -31.49 4.24
C THR B 42 -7.67 -30.11 3.67
N VAL B 43 -6.74 -30.10 2.71
CA VAL B 43 -6.31 -28.88 2.02
C VAL B 43 -6.31 -29.12 0.51
N ALA B 44 -6.20 -28.03 -0.24
CA ALA B 44 -6.02 -28.09 -1.67
C ALA B 44 -4.60 -27.60 -1.97
N VAL B 45 -3.82 -28.43 -2.65
CA VAL B 45 -2.41 -28.14 -2.91
C VAL B 45 -2.14 -28.01 -4.40
N LYS B 46 -1.68 -26.83 -4.81
CA LYS B 46 -1.36 -26.57 -6.20
C LYS B 46 0.12 -26.81 -6.44
N THR B 47 0.44 -27.66 -7.40
CA THR B 47 1.81 -27.91 -7.78
C THR B 47 2.02 -27.47 -9.23
N LEU B 48 3.27 -27.41 -9.67
CA LEU B 48 3.58 -27.17 -11.06
C LEU B 48 4.47 -28.30 -11.49
N LYS B 49 4.21 -28.85 -12.67
CA LYS B 49 4.92 -30.04 -13.13
C LYS B 49 5.87 -29.82 -14.31
N GLU B 50 5.40 -30.13 -15.52
CA GLU B 50 6.26 -30.16 -16.72
C GLU B 50 6.12 -28.89 -17.57
N ASP B 51 5.79 -27.79 -16.91
CA ASP B 51 5.46 -26.53 -17.57
C ASP B 51 6.50 -25.46 -17.28
N THR B 52 7.74 -25.89 -17.03
CA THR B 52 8.89 -25.03 -16.69
C THR B 52 8.74 -23.52 -17.00
N MET B 53 8.01 -23.21 -18.07
CA MET B 53 7.75 -21.85 -18.54
C MET B 53 7.00 -20.97 -17.53
N GLU B 54 6.72 -21.51 -16.35
CA GLU B 54 5.83 -20.86 -15.38
C GLU B 54 6.26 -20.95 -13.91
N VAL B 55 7.54 -21.22 -13.66
CA VAL B 55 8.09 -21.06 -12.31
C VAL B 55 7.98 -19.59 -11.89
N GLU B 56 8.21 -18.70 -12.85
CA GLU B 56 8.17 -17.26 -12.63
C GLU B 56 6.76 -16.79 -12.29
N GLU B 57 5.77 -17.42 -12.93
CA GLU B 57 4.37 -17.03 -12.74
C GLU B 57 3.64 -17.82 -11.65
N PHE B 58 4.15 -19.02 -11.35
CA PHE B 58 3.67 -19.79 -10.22
C PHE B 58 4.04 -19.10 -8.91
N LEU B 59 5.19 -18.42 -8.92
CA LEU B 59 5.69 -17.64 -7.78
C LEU B 59 4.97 -16.30 -7.68
N LYS B 60 4.66 -15.72 -8.85
CA LYS B 60 3.82 -14.52 -8.98
C LYS B 60 2.37 -14.76 -8.53
N GLU B 61 1.83 -15.93 -8.88
CA GLU B 61 0.54 -16.36 -8.36
C GLU B 61 0.59 -16.44 -6.84
N ALA B 62 1.68 -17.03 -6.32
CA ALA B 62 1.90 -17.18 -4.89
C ALA B 62 2.04 -15.84 -4.16
N ALA B 63 2.82 -14.92 -4.74
CA ALA B 63 3.01 -13.59 -4.18
C ALA B 63 1.68 -12.84 -4.04
N VAL B 64 0.86 -12.86 -5.10
CA VAL B 64 -0.42 -12.15 -5.11
C VAL B 64 -1.27 -12.57 -3.91
N MET B 65 -1.44 -13.88 -3.75
CA MET B 65 -2.33 -14.45 -2.74
C MET B 65 -1.96 -14.06 -1.32
N LYS B 66 -0.68 -13.86 -1.07
CA LYS B 66 -0.16 -13.41 0.23
C LYS B 66 -0.58 -11.97 0.50
N GLU B 67 -0.80 -11.22 -0.58
CA GLU B 67 -1.14 -9.80 -0.50
C GLU B 67 -2.64 -9.56 -0.32
N ILE B 68 -3.42 -10.63 -0.44
CA ILE B 68 -4.86 -10.54 -0.25
C ILE B 68 -5.32 -11.36 0.95
N LYS B 69 -6.20 -10.77 1.73
CA LYS B 69 -6.75 -11.42 2.89
C LYS B 69 -8.19 -10.93 3.03
N HIS B 70 -9.13 -11.83 2.75
CA HIS B 70 -10.54 -11.52 2.97
C HIS B 70 -11.30 -12.78 3.39
N PRO B 71 -12.27 -12.64 4.31
CA PRO B 71 -13.15 -13.74 4.70
C PRO B 71 -13.85 -14.46 3.51
N ASN B 72 -13.89 -13.79 2.35
CA ASN B 72 -14.54 -14.34 1.16
C ASN B 72 -13.62 -14.47 -0.04
N LEU B 73 -12.33 -14.56 0.24
CA LEU B 73 -11.34 -14.92 -0.75
C LEU B 73 -10.71 -16.19 -0.27
N VAL B 74 -10.45 -17.08 -1.21
CA VAL B 74 -9.78 -18.35 -0.95
C VAL B 74 -8.57 -18.14 -0.01
N GLN B 75 -8.60 -18.83 1.12
CA GLN B 75 -7.61 -18.65 2.18
C GLN B 75 -6.31 -19.40 1.90
N LEU B 76 -5.24 -18.65 1.63
CA LEU B 76 -3.91 -19.21 1.45
C LEU B 76 -3.37 -19.67 2.81
N LEU B 77 -2.87 -20.89 2.87
CA LEU B 77 -2.35 -21.44 4.13
C LEU B 77 -0.83 -21.35 4.16
N GLY B 78 -0.21 -21.59 3.02
CA GLY B 78 1.23 -21.49 2.93
C GLY B 78 1.74 -21.96 1.59
N VAL B 79 3.07 -22.00 1.50
CA VAL B 79 3.77 -22.41 0.28
C VAL B 79 4.91 -23.38 0.58
N CYS B 80 5.35 -24.09 -0.44
CA CYS B 80 6.53 -24.93 -0.37
C CYS B 80 7.50 -24.57 -1.48
N THR B 81 8.42 -23.65 -1.20
CA THR B 81 9.32 -23.16 -2.22
C THR B 81 10.78 -23.35 -1.81
N ARG B 82 11.10 -24.49 -1.21
CA ARG B 82 12.41 -24.65 -0.53
C ARG B 82 13.61 -25.33 -1.20
N GLU B 83 13.56 -26.50 -1.86
CA GLU B 83 12.48 -27.51 -2.05
C GLU B 83 11.61 -27.45 -3.36
N PRO B 84 12.12 -28.01 -4.47
CA PRO B 84 11.59 -27.82 -5.83
C PRO B 84 10.10 -28.06 -6.15
N PRO B 85 9.51 -29.22 -5.80
CA PRO B 85 8.15 -29.30 -6.34
C PRO B 85 7.27 -28.33 -5.57
N PHE B 86 7.19 -27.10 -6.07
CA PHE B 86 6.61 -26.00 -5.31
C PHE B 86 5.14 -26.26 -5.03
N TYR B 87 4.72 -25.92 -3.82
CA TYR B 87 3.33 -26.08 -3.45
C TYR B 87 2.73 -24.74 -3.13
N ILE B 88 1.48 -24.56 -3.55
CA ILE B 88 0.62 -23.50 -3.03
C ILE B 88 -0.55 -24.21 -2.35
N ILE B 89 -0.66 -24.01 -1.05
CA ILE B 89 -1.63 -24.71 -0.22
C ILE B 89 -2.72 -23.74 0.23
N THR B 90 -3.96 -24.15 -0.01
CA THR B 90 -5.14 -23.36 0.29
C THR B 90 -6.07 -24.22 1.15
N GLU B 91 -7.01 -23.57 1.84
CA GLU B 91 -8.08 -24.28 2.54
C GLU B 91 -8.92 -25.04 1.53
N PHE B 92 -9.44 -26.19 1.93
CA PHE B 92 -10.29 -26.95 1.05
C PHE B 92 -11.74 -26.52 1.24
N MET B 93 -12.38 -26.13 0.15
CA MET B 93 -13.78 -25.76 0.16
C MET B 93 -14.67 -26.97 -0.11
N THR B 94 -15.40 -27.38 0.92
CA THR B 94 -16.08 -28.67 0.97
C THR B 94 -16.86 -28.98 -0.31
N TYR B 95 -17.58 -28.00 -0.83
CA TYR B 95 -18.49 -28.22 -1.94
C TYR B 95 -17.98 -27.78 -3.32
N GLY B 96 -16.68 -27.55 -3.44
CA GLY B 96 -16.08 -27.22 -4.73
C GLY B 96 -16.66 -25.97 -5.35
N ASN B 97 -16.48 -25.83 -6.67
CA ASN B 97 -16.88 -24.60 -7.36
C ASN B 97 -18.39 -24.32 -7.37
N LEU B 98 -18.71 -23.03 -7.41
CA LEU B 98 -20.09 -22.54 -7.33
C LEU B 98 -20.98 -22.93 -8.50
N LEU B 99 -20.40 -23.14 -9.68
CA LEU B 99 -21.19 -23.49 -10.88
C LEU B 99 -21.79 -24.88 -10.78
N ASP B 100 -20.94 -25.88 -10.63
CA ASP B 100 -21.34 -27.25 -10.31
C ASP B 100 -22.28 -27.36 -9.10
N TYR B 101 -21.95 -26.69 -8.00
CA TYR B 101 -22.82 -26.67 -6.81
C TYR B 101 -24.23 -26.12 -7.07
N LEU B 102 -24.34 -25.01 -7.80
CA LEU B 102 -25.64 -24.45 -8.21
C LEU B 102 -26.48 -25.40 -9.09
N ARG B 103 -25.82 -26.07 -10.03
CA ARG B 103 -26.47 -27.00 -10.93
C ARG B 103 -26.97 -28.29 -10.24
N GLU B 104 -26.25 -28.71 -9.20
CA GLU B 104 -26.49 -29.98 -8.53
C GLU B 104 -27.28 -29.83 -7.24
N CYS B 105 -27.63 -28.60 -6.88
CA CYS B 105 -28.11 -28.34 -5.52
C CYS B 105 -29.61 -28.58 -5.29
N ASN B 106 -29.94 -28.78 -4.02
CA ASN B 106 -31.32 -28.79 -3.55
C ASN B 106 -31.83 -27.35 -3.46
N ARG B 107 -32.78 -27.02 -4.32
CA ARG B 107 -33.30 -25.65 -4.41
C ARG B 107 -34.21 -25.29 -3.24
N GLN B 108 -34.56 -26.29 -2.43
CA GLN B 108 -35.29 -26.07 -1.20
C GLN B 108 -34.30 -25.74 -0.09
N GLU B 109 -33.03 -26.09 -0.31
CA GLU B 109 -31.91 -25.69 0.53
C GLU B 109 -31.35 -24.32 0.06
N VAL B 110 -30.95 -24.29 -1.21
CA VAL B 110 -30.37 -23.10 -1.83
C VAL B 110 -31.48 -22.32 -2.52
N ASN B 111 -32.39 -21.79 -1.69
CA ASN B 111 -33.55 -21.05 -2.15
C ASN B 111 -33.22 -19.58 -2.35
N ALA B 112 -34.25 -18.74 -2.46
CA ALA B 112 -34.07 -17.32 -2.82
C ALA B 112 -33.08 -16.62 -1.91
N VAL B 113 -33.33 -16.73 -0.61
CA VAL B 113 -32.49 -16.14 0.45
C VAL B 113 -31.04 -16.63 0.46
N VAL B 114 -30.82 -17.88 0.09
CA VAL B 114 -29.44 -18.40 -0.01
C VAL B 114 -28.68 -17.92 -1.26
N LEU B 115 -29.40 -17.65 -2.34
CA LEU B 115 -28.79 -17.03 -3.52
C LEU B 115 -28.33 -15.60 -3.19
N LEU B 116 -29.21 -14.87 -2.50
CA LEU B 116 -28.93 -13.50 -2.04
C LEU B 116 -27.74 -13.44 -1.09
N TYR B 117 -27.71 -14.37 -0.13
CA TYR B 117 -26.54 -14.53 0.76
C TYR B 117 -25.25 -14.72 -0.04
N MET B 118 -25.30 -15.61 -1.01
CA MET B 118 -24.19 -15.92 -1.91
C MET B 118 -23.65 -14.69 -2.66
N ALA B 119 -24.56 -13.86 -3.17
CA ALA B 119 -24.20 -12.66 -3.93
C ALA B 119 -23.63 -11.58 -3.03
N THR B 120 -24.13 -11.48 -1.79
CA THR B 120 -23.63 -10.55 -0.76
C THR B 120 -22.17 -10.86 -0.42
N GLN B 121 -21.85 -12.14 -0.38
CA GLN B 121 -20.53 -12.63 -0.02
C GLN B 121 -19.51 -12.34 -1.09
N ILE B 122 -19.93 -12.59 -2.32
CA ILE B 122 -19.12 -12.32 -3.51
C ILE B 122 -18.80 -10.83 -3.73
N SER B 123 -19.72 -9.93 -3.39
CA SER B 123 -19.44 -8.51 -3.60
C SER B 123 -18.62 -7.91 -2.46
N SER B 124 -18.55 -8.62 -1.34
CA SER B 124 -17.69 -8.22 -0.23
C SER B 124 -16.25 -8.51 -0.57
N ALA B 125 -16.00 -9.65 -1.19
CA ALA B 125 -14.68 -9.99 -1.72
C ALA B 125 -14.28 -8.96 -2.78
N MET B 126 -15.24 -8.60 -3.63
CA MET B 126 -14.96 -7.70 -4.76
C MET B 126 -14.79 -6.24 -4.31
N GLU B 127 -15.53 -5.86 -3.28
CA GLU B 127 -15.39 -4.56 -2.63
C GLU B 127 -13.99 -4.46 -2.02
N TYR B 128 -13.53 -5.56 -1.44
CA TYR B 128 -12.17 -5.62 -0.89
C TYR B 128 -11.14 -5.43 -2.01
N LEU B 129 -11.23 -6.27 -3.04
CA LEU B 129 -10.34 -6.21 -4.20
C LEU B 129 -10.35 -4.85 -4.87
N GLU B 130 -11.53 -4.22 -4.90
CA GLU B 130 -11.74 -2.90 -5.49
C GLU B 130 -10.99 -1.81 -4.74
N LYS B 131 -11.24 -1.74 -3.43
CA LYS B 131 -10.53 -0.89 -2.49
C LYS B 131 -9.03 -1.19 -2.55
N LYS B 132 -8.69 -2.46 -2.74
CA LYS B 132 -7.29 -2.89 -2.80
C LYS B 132 -6.64 -2.62 -4.16
N ASN B 133 -7.42 -2.07 -5.09
CA ASN B 133 -6.93 -1.66 -6.42
C ASN B 133 -6.56 -2.86 -7.31
N PHE B 134 -7.13 -4.03 -6.99
CA PHE B 134 -6.86 -5.27 -7.73
C PHE B 134 -7.95 -5.62 -8.75
N ILE B 135 -7.52 -6.15 -9.89
CA ILE B 135 -8.44 -6.55 -10.96
C ILE B 135 -8.43 -8.08 -11.06
N HIS B 136 -9.59 -8.68 -10.84
CA HIS B 136 -9.72 -10.15 -10.89
C HIS B 136 -9.53 -10.72 -12.30
N ARG B 137 -10.23 -10.14 -13.27
CA ARG B 137 -10.08 -10.48 -14.70
C ARG B 137 -10.79 -11.75 -15.13
N ASP B 138 -11.18 -12.59 -14.18
CA ASP B 138 -11.97 -13.75 -14.52
C ASP B 138 -13.08 -14.09 -13.54
N LEU B 139 -13.92 -13.11 -13.20
CA LEU B 139 -14.99 -13.38 -12.24
C LEU B 139 -16.12 -14.20 -12.87
N ALA B 140 -16.37 -15.37 -12.28
CA ALA B 140 -17.35 -16.32 -12.77
C ALA B 140 -17.62 -17.37 -11.70
N ALA B 141 -18.83 -17.92 -11.75
CA ALA B 141 -19.26 -19.00 -10.85
C ALA B 141 -18.22 -20.11 -10.69
N ARG B 142 -17.65 -20.52 -11.82
CA ARG B 142 -16.61 -21.52 -11.91
C ARG B 142 -15.28 -21.17 -11.18
N ASN B 143 -15.08 -19.88 -10.91
CA ASN B 143 -13.94 -19.38 -10.15
C ASN B 143 -14.29 -19.09 -8.68
N CYS B 144 -15.54 -19.38 -8.31
CA CYS B 144 -15.98 -19.31 -6.91
C CYS B 144 -16.09 -20.69 -6.29
N LEU B 145 -15.90 -20.72 -4.97
CA LEU B 145 -15.87 -21.93 -4.20
C LEU B 145 -16.97 -21.88 -3.13
N VAL B 146 -17.58 -23.02 -2.85
CA VAL B 146 -18.61 -23.12 -1.81
C VAL B 146 -18.17 -24.02 -0.65
N GLY B 147 -18.36 -23.53 0.56
CA GLY B 147 -18.00 -24.28 1.74
C GLY B 147 -19.20 -24.58 2.59
N GLU B 148 -18.97 -24.61 3.90
CA GLU B 148 -19.96 -24.97 4.87
C GLU B 148 -20.96 -23.85 5.06
N ASN B 149 -22.24 -24.19 5.21
CA ASN B 149 -23.26 -23.20 5.55
C ASN B 149 -23.39 -22.07 4.53
N HIS B 150 -23.24 -22.43 3.26
CA HIS B 150 -23.41 -21.52 2.11
C HIS B 150 -22.36 -20.41 2.12
N LEU B 151 -21.22 -20.74 2.71
CA LEU B 151 -20.03 -19.91 2.65
C LEU B 151 -19.54 -19.94 1.22
N VAL B 152 -19.39 -18.76 0.64
CA VAL B 152 -18.95 -18.61 -0.75
C VAL B 152 -17.72 -17.71 -0.84
N LYS B 153 -16.67 -18.25 -1.48
CA LYS B 153 -15.41 -17.54 -1.64
C LYS B 153 -15.07 -17.38 -3.10
N VAL B 154 -14.45 -16.26 -3.40
CA VAL B 154 -13.95 -15.98 -4.72
C VAL B 154 -12.53 -16.49 -4.78
N ALA B 155 -12.19 -17.09 -5.91
CA ALA B 155 -10.88 -17.65 -6.15
C ALA B 155 -10.53 -17.44 -7.63
N ASP B 156 -9.46 -18.08 -8.09
CA ASP B 156 -8.96 -17.92 -9.45
C ASP B 156 -8.07 -19.11 -9.81
N PHE B 157 -8.60 -20.04 -10.59
CA PHE B 157 -7.90 -21.30 -10.88
C PHE B 157 -7.14 -21.32 -12.22
N GLY B 158 -7.10 -20.20 -12.92
CA GLY B 158 -6.50 -20.15 -14.25
C GLY B 158 -7.16 -21.17 -15.15
N LEU B 159 -8.48 -21.08 -15.23
CA LEU B 159 -9.32 -22.03 -15.95
C LEU B 159 -9.30 -21.78 -17.45
N SER B 160 -8.46 -20.84 -17.89
CA SER B 160 -8.27 -20.59 -19.32
C SER B 160 -7.39 -21.67 -19.94
N ARG B 161 -6.96 -22.61 -19.09
CA ARG B 161 -6.21 -23.80 -19.50
C ARG B 161 -7.05 -25.07 -19.28
N LEU B 162 -8.02 -25.00 -18.35
CA LEU B 162 -9.05 -26.02 -18.22
C LEU B 162 -10.05 -25.85 -19.36
N MET B 163 -10.16 -24.60 -19.83
CA MET B 163 -11.09 -24.15 -20.87
C MET B 163 -11.65 -25.27 -21.77
N THR B 164 -12.67 -25.98 -21.27
CA THR B 164 -13.19 -27.17 -21.96
C THR B 164 -13.60 -26.97 -23.42
N GLY B 165 -14.19 -25.81 -23.74
CA GLY B 165 -14.64 -25.56 -25.10
C GLY B 165 -15.16 -24.17 -25.41
N ASP B 166 -16.47 -23.98 -25.23
CA ASP B 166 -17.16 -22.79 -25.70
C ASP B 166 -16.99 -21.58 -24.80
N THR B 167 -16.58 -21.83 -23.56
CA THR B 167 -16.38 -20.76 -22.58
C THR B 167 -15.26 -19.82 -23.03
N TYR B 168 -14.02 -20.26 -22.87
CA TYR B 168 -12.86 -19.43 -23.20
C TYR B 168 -12.49 -19.48 -24.69
N THR B 169 -12.94 -18.47 -25.42
CA THR B 169 -12.69 -18.32 -26.86
C THR B 169 -11.41 -17.52 -27.06
N ALA B 170 -10.62 -17.95 -28.05
CA ALA B 170 -9.29 -17.39 -28.29
C ALA B 170 -9.30 -15.95 -28.84
N HIS B 171 -8.44 -15.10 -28.27
CA HIS B 171 -8.21 -13.74 -28.77
C HIS B 171 -6.73 -13.36 -28.63
N ALA B 172 -5.97 -13.58 -29.70
CA ALA B 172 -4.52 -13.30 -29.75
C ALA B 172 -3.73 -13.94 -28.61
N GLY B 173 -3.55 -15.26 -28.70
CA GLY B 173 -2.83 -16.02 -27.68
C GLY B 173 -3.41 -15.85 -26.29
N ALA B 174 -4.62 -15.31 -26.23
CA ALA B 174 -5.37 -15.20 -24.98
C ALA B 174 -6.75 -15.79 -25.14
N LYS B 175 -7.02 -16.87 -24.41
CA LYS B 175 -8.35 -17.44 -24.35
C LYS B 175 -9.22 -16.53 -23.49
N PHE B 176 -10.27 -15.95 -24.09
CA PHE B 176 -11.15 -15.03 -23.36
C PHE B 176 -12.55 -15.61 -23.12
N PRO B 177 -13.07 -15.48 -21.88
CA PRO B 177 -14.43 -15.91 -21.59
C PRO B 177 -15.43 -14.85 -22.06
N ILE B 178 -15.89 -15.00 -23.31
CA ILE B 178 -16.54 -13.89 -24.02
C ILE B 178 -17.83 -13.43 -23.37
N LYS B 179 -18.64 -14.38 -22.89
CA LYS B 179 -19.94 -14.06 -22.31
C LYS B 179 -19.83 -13.50 -20.88
N TRP B 180 -18.63 -13.54 -20.29
CA TRP B 180 -18.32 -12.87 -19.02
C TRP B 180 -17.57 -11.56 -19.23
N THR B 181 -16.99 -11.39 -20.43
CA THR B 181 -16.12 -10.27 -20.76
C THR B 181 -16.91 -9.00 -21.12
N ALA B 182 -16.50 -7.86 -20.55
CA ALA B 182 -17.15 -6.57 -20.79
C ALA B 182 -16.86 -6.03 -22.19
N PRO B 183 -17.79 -5.23 -22.77
CA PRO B 183 -17.58 -4.67 -24.12
C PRO B 183 -16.19 -4.07 -24.35
N GLU B 184 -15.75 -3.19 -23.44
CA GLU B 184 -14.47 -2.48 -23.58
C GLU B 184 -13.29 -3.45 -23.58
N SER B 185 -13.51 -4.61 -22.97
CA SER B 185 -12.48 -5.60 -22.81
C SER B 185 -12.38 -6.45 -24.04
N LEU B 186 -13.51 -6.73 -24.69
CA LEU B 186 -13.53 -7.38 -25.99
C LEU B 186 -13.03 -6.44 -27.09
N ALA B 187 -13.55 -5.21 -27.09
CA ALA B 187 -13.26 -4.26 -28.17
C ALA B 187 -11.91 -3.58 -28.07
N TYR B 188 -11.47 -3.27 -26.85
CA TYR B 188 -10.29 -2.45 -26.66
C TYR B 188 -9.21 -3.07 -25.77
N ASN B 189 -9.43 -4.31 -25.36
CA ASN B 189 -8.61 -5.00 -24.36
C ASN B 189 -8.44 -4.22 -23.06
N LYS B 190 -9.50 -3.55 -22.66
CA LYS B 190 -9.49 -2.69 -21.48
C LYS B 190 -10.07 -3.41 -20.27
N PHE B 191 -9.20 -3.72 -19.32
CA PHE B 191 -9.58 -4.39 -18.08
C PHE B 191 -9.44 -3.49 -16.86
N SER B 192 -10.47 -3.52 -16.01
CA SER B 192 -10.54 -2.65 -14.84
C SER B 192 -11.44 -3.29 -13.80
N ILE B 193 -11.68 -2.57 -12.73
CA ILE B 193 -12.66 -2.99 -11.72
C ILE B 193 -14.09 -2.90 -12.26
N LYS B 194 -14.32 -2.07 -13.28
CA LYS B 194 -15.62 -1.99 -13.92
C LYS B 194 -15.88 -3.13 -14.92
N SER B 195 -14.81 -3.76 -15.41
CA SER B 195 -14.90 -4.97 -16.22
C SER B 195 -15.23 -6.18 -15.34
N ASP B 196 -14.67 -6.18 -14.14
CA ASP B 196 -15.04 -7.12 -13.08
C ASP B 196 -16.50 -6.94 -12.65
N VAL B 197 -16.98 -5.69 -12.65
CA VAL B 197 -18.38 -5.36 -12.30
C VAL B 197 -19.34 -5.87 -13.38
N TRP B 198 -18.95 -5.74 -14.65
CA TRP B 198 -19.71 -6.40 -15.71
C TRP B 198 -19.78 -7.90 -15.38
N ALA B 199 -18.61 -8.49 -15.12
CA ALA B 199 -18.49 -9.92 -14.92
C ALA B 199 -19.30 -10.39 -13.72
N PHE B 200 -19.35 -9.56 -12.67
CA PHE B 200 -20.16 -9.83 -11.50
C PHE B 200 -21.61 -9.93 -11.90
N GLY B 201 -22.03 -9.03 -12.78
CA GLY B 201 -23.40 -9.05 -13.31
C GLY B 201 -23.75 -10.37 -13.96
N VAL B 202 -22.80 -10.95 -14.68
CA VAL B 202 -22.98 -12.26 -15.33
C VAL B 202 -23.07 -13.35 -14.25
N LEU B 203 -22.17 -13.29 -13.27
CA LEU B 203 -22.23 -14.18 -12.12
C LEU B 203 -23.59 -14.15 -11.39
N LEU B 204 -24.18 -12.95 -11.26
CA LEU B 204 -25.50 -12.75 -10.68
C LEU B 204 -26.57 -13.48 -11.46
N TRP B 205 -26.35 -13.58 -12.77
CA TRP B 205 -27.25 -14.28 -13.65
C TRP B 205 -27.10 -15.80 -13.48
N GLU B 206 -25.86 -16.30 -13.46
CA GLU B 206 -25.57 -17.72 -13.25
C GLU B 206 -26.14 -18.21 -11.94
N ILE B 207 -26.06 -17.36 -10.92
CA ILE B 207 -26.62 -17.69 -9.62
C ILE B 207 -28.15 -17.72 -9.72
N ALA B 208 -28.75 -16.68 -10.31
CA ALA B 208 -30.20 -16.57 -10.40
C ALA B 208 -30.82 -17.69 -11.23
N THR B 209 -30.02 -18.28 -12.09
CA THR B 209 -30.46 -19.36 -12.94
C THR B 209 -29.92 -20.71 -12.48
N TYR B 210 -29.45 -20.76 -11.22
CA TYR B 210 -28.82 -21.95 -10.67
C TYR B 210 -27.84 -22.60 -11.66
N GLY B 211 -27.14 -21.76 -12.43
CA GLY B 211 -26.00 -22.20 -13.23
C GLY B 211 -26.22 -22.42 -14.72
N MET B 212 -27.22 -21.76 -15.30
CA MET B 212 -27.41 -21.84 -16.75
C MET B 212 -26.24 -21.17 -17.46
N SER B 213 -26.03 -21.53 -18.73
CA SER B 213 -25.00 -20.94 -19.54
C SER B 213 -25.51 -19.57 -20.01
N PRO B 214 -24.72 -18.49 -19.84
CA PRO B 214 -25.09 -17.14 -20.25
C PRO B 214 -25.51 -17.04 -21.72
N TYR B 215 -26.30 -16.02 -22.03
CA TYR B 215 -26.84 -15.77 -23.37
C TYR B 215 -27.29 -17.07 -24.04
N PRO B 216 -28.31 -17.75 -23.46
CA PRO B 216 -28.72 -19.08 -23.90
C PRO B 216 -29.08 -19.13 -25.38
N GLY B 217 -28.30 -19.88 -26.16
CA GLY B 217 -28.54 -20.06 -27.59
C GLY B 217 -27.70 -19.17 -28.47
N ILE B 218 -27.61 -17.89 -28.09
CA ILE B 218 -26.84 -16.88 -28.84
C ILE B 218 -25.37 -17.26 -28.98
N ASP B 219 -24.91 -17.40 -30.22
CA ASP B 219 -23.54 -17.86 -30.50
C ASP B 219 -22.47 -16.81 -30.13
N LEU B 220 -21.28 -17.30 -29.76
CA LEU B 220 -20.18 -16.43 -29.27
C LEU B 220 -19.91 -15.18 -30.10
N SER B 221 -19.89 -15.34 -31.42
CA SER B 221 -19.50 -14.26 -32.34
C SER B 221 -20.54 -13.15 -32.51
N GLN B 222 -21.75 -13.36 -31.94
CA GLN B 222 -22.82 -12.37 -32.01
C GLN B 222 -22.91 -11.49 -30.76
N VAL B 223 -22.39 -11.99 -29.64
CA VAL B 223 -22.53 -11.35 -28.33
C VAL B 223 -22.21 -9.85 -28.32
N TYR B 224 -21.05 -9.46 -28.85
CA TYR B 224 -20.70 -8.03 -28.88
C TYR B 224 -21.66 -7.18 -29.72
N GLU B 225 -22.02 -7.68 -30.90
CA GLU B 225 -22.95 -6.98 -31.80
C GLU B 225 -24.34 -6.80 -31.20
N LEU B 226 -24.75 -7.73 -30.35
CA LEU B 226 -26.03 -7.64 -29.65
C LEU B 226 -25.91 -6.69 -28.46
N LEU B 227 -24.86 -6.84 -27.67
CA LEU B 227 -24.62 -5.96 -26.51
C LEU B 227 -24.57 -4.51 -26.95
N GLU B 228 -23.96 -4.28 -28.10
CA GLU B 228 -23.82 -2.96 -28.73
C GLU B 228 -25.17 -2.31 -29.03
N LYS B 229 -26.19 -3.14 -29.24
CA LYS B 229 -27.51 -2.68 -29.65
C LYS B 229 -28.50 -2.71 -28.50
N ASP B 230 -27.97 -2.74 -27.28
CA ASP B 230 -28.78 -2.63 -26.06
C ASP B 230 -29.44 -3.98 -25.72
N TYR B 231 -28.98 -5.05 -26.35
CA TYR B 231 -29.44 -6.36 -25.97
C TYR B 231 -28.79 -6.84 -24.66
N ARG B 232 -29.64 -7.20 -23.71
CA ARG B 232 -29.18 -7.75 -22.45
C ARG B 232 -29.88 -9.08 -22.17
N MET B 233 -29.21 -9.95 -21.41
CA MET B 233 -29.88 -11.11 -20.85
C MET B 233 -31.10 -10.64 -20.06
N GLU B 234 -32.21 -11.36 -20.22
CA GLU B 234 -33.43 -10.95 -19.53
C GLU B 234 -33.54 -11.63 -18.15
N ARG B 235 -34.50 -11.12 -17.38
CA ARG B 235 -34.67 -11.47 -15.98
C ARG B 235 -35.07 -12.92 -15.82
N PRO B 236 -34.23 -13.70 -15.14
CA PRO B 236 -34.56 -15.11 -14.90
C PRO B 236 -35.86 -15.29 -14.13
N GLU B 237 -36.53 -16.40 -14.43
CA GLU B 237 -37.67 -16.88 -13.67
C GLU B 237 -37.36 -16.79 -12.18
N GLY B 238 -38.27 -16.16 -11.43
CA GLY B 238 -38.15 -16.04 -9.98
C GLY B 238 -37.00 -15.21 -9.43
N CYS B 239 -36.29 -14.52 -10.31
CA CYS B 239 -35.26 -13.58 -9.88
C CYS B 239 -35.92 -12.26 -9.50
N PRO B 240 -35.61 -11.73 -8.30
CA PRO B 240 -36.18 -10.45 -7.87
C PRO B 240 -35.89 -9.30 -8.84
N GLU B 241 -36.72 -8.26 -8.76
CA GLU B 241 -36.65 -7.09 -9.64
C GLU B 241 -35.53 -6.16 -9.21
N LYS B 242 -35.36 -6.02 -7.89
CA LYS B 242 -34.26 -5.27 -7.31
C LYS B 242 -32.91 -5.91 -7.66
N VAL B 243 -32.86 -7.25 -7.69
CA VAL B 243 -31.67 -8.00 -8.10
C VAL B 243 -31.35 -7.77 -9.60
N TYR B 244 -32.35 -7.98 -10.46
CA TYR B 244 -32.17 -7.81 -11.90
C TYR B 244 -31.78 -6.40 -12.28
N GLU B 245 -32.27 -5.43 -11.50
CA GLU B 245 -31.93 -4.02 -11.63
C GLU B 245 -30.43 -3.82 -11.47
N LEU B 246 -29.89 -4.41 -10.41
CA LEU B 246 -28.47 -4.41 -10.10
C LEU B 246 -27.63 -5.09 -11.18
N MET B 247 -28.20 -6.14 -11.77
CA MET B 247 -27.60 -6.90 -12.86
C MET B 247 -27.49 -6.03 -14.10
N ARG B 248 -28.48 -5.15 -14.25
CA ARG B 248 -28.57 -4.24 -15.38
C ARG B 248 -27.65 -3.03 -15.20
N ALA B 249 -27.49 -2.59 -13.96
CA ALA B 249 -26.53 -1.53 -13.68
C ALA B 249 -25.11 -2.03 -13.96
N CYS B 250 -24.86 -3.29 -13.59
CA CYS B 250 -23.57 -3.93 -13.86
C CYS B 250 -23.30 -4.04 -15.35
N TRP B 251 -24.35 -4.14 -16.16
CA TRP B 251 -24.22 -4.36 -17.59
C TRP B 251 -24.40 -3.10 -18.41
N GLN B 252 -24.14 -1.95 -17.81
CA GLN B 252 -24.15 -0.67 -18.49
C GLN B 252 -23.02 -0.62 -19.51
N TRP B 253 -23.31 -0.09 -20.71
CA TRP B 253 -22.33 -0.07 -21.81
C TRP B 253 -21.10 0.77 -21.47
N ASN B 254 -21.33 1.89 -20.79
CA ASN B 254 -20.26 2.76 -20.30
C ASN B 254 -19.73 2.25 -18.97
N PRO B 255 -18.46 1.81 -18.94
CA PRO B 255 -17.81 1.31 -17.71
C PRO B 255 -18.03 2.18 -16.46
N SER B 256 -18.12 3.51 -16.63
CA SER B 256 -18.35 4.42 -15.51
C SER B 256 -19.83 4.60 -15.11
N ASP B 257 -20.75 4.02 -15.89
CA ASP B 257 -22.16 4.05 -15.52
C ASP B 257 -22.48 2.91 -14.57
N ARG B 258 -21.54 1.96 -14.50
CA ARG B 258 -21.71 0.76 -13.70
C ARG B 258 -21.35 1.10 -12.27
N PRO B 259 -22.15 0.61 -11.30
CA PRO B 259 -21.85 0.81 -9.89
C PRO B 259 -20.48 0.27 -9.51
N SER B 260 -20.04 0.58 -8.31
CA SER B 260 -18.84 -0.05 -7.76
C SER B 260 -19.31 -1.15 -6.84
N PHE B 261 -18.40 -2.05 -6.50
CA PHE B 261 -18.71 -3.15 -5.59
C PHE B 261 -19.10 -2.69 -4.20
N ALA B 262 -18.58 -1.54 -3.78
CA ALA B 262 -18.98 -0.90 -2.53
C ALA B 262 -20.47 -0.59 -2.48
N GLU B 263 -21.01 -0.01 -3.54
CA GLU B 263 -22.46 0.24 -3.62
C GLU B 263 -23.24 -1.04 -3.89
N ILE B 264 -22.64 -1.97 -4.65
CA ILE B 264 -23.23 -3.28 -4.95
C ILE B 264 -23.41 -4.16 -3.69
N HIS B 265 -22.33 -4.30 -2.92
CA HIS B 265 -22.36 -5.04 -1.65
C HIS B 265 -23.29 -4.39 -0.65
N GLN B 266 -23.29 -3.06 -0.61
CA GLN B 266 -24.18 -2.29 0.26
C GLN B 266 -25.65 -2.48 -0.14
N ALA B 267 -25.92 -2.50 -1.44
CA ALA B 267 -27.26 -2.83 -1.95
C ALA B 267 -27.65 -4.28 -1.64
N PHE B 268 -26.68 -5.20 -1.74
CA PHE B 268 -26.91 -6.61 -1.48
C PHE B 268 -26.92 -6.95 0.02
N GLU B 269 -26.10 -6.21 0.77
CA GLU B 269 -26.10 -6.23 2.24
C GLU B 269 -27.48 -5.87 2.77
N THR B 270 -28.05 -4.80 2.22
CA THR B 270 -29.37 -4.30 2.59
C THR B 270 -30.50 -5.29 2.25
N MET B 271 -30.55 -5.73 0.99
CA MET B 271 -31.65 -6.59 0.55
C MET B 271 -31.53 -8.03 1.07
N PHE B 272 -30.35 -8.41 1.53
CA PHE B 272 -30.17 -9.68 2.27
C PHE B 272 -30.75 -9.54 3.69
N GLN B 273 -32.00 -9.09 3.75
CA GLN B 273 -32.75 -8.93 5.00
C GLN B 273 -34.22 -9.19 4.72
N GLU B 274 -34.96 -9.62 5.75
CA GLU B 274 -36.41 -9.77 5.70
C GLU B 274 -36.94 -10.73 4.61
#